data_4Z6H
#
_entry.id   4Z6H
#
_cell.length_a   71.233
_cell.length_b   125.220
_cell.length_c   29.775
_cell.angle_alpha   90.00
_cell.angle_beta   90.00
_cell.angle_gamma   90.00
#
_symmetry.space_group_name_H-M   'P 21 21 2'
#
loop_
_entity.id
_entity.type
_entity.pdbx_description
1 polymer 'Bromodomain-containing protein 9'
2 non-polymer 1,4-dimethyl-7-(2-oxopiperidin-1-yl)quinolin-2(1H)-one
3 water water
#
_entity_poly.entity_id   1
_entity_poly.type   'polypeptide(L)'
_entity_poly.pdbx_seq_one_letter_code
;SMLKLSAENESTPIQQLLEHFLRQLQRKDPHGFFAFPVTDAIAPGYSMIIKHPMDFGTMKDKIVANEYKSVTEFKADFKL
MCDNAMTYNRPDTVYYKLAKKILHAGFKMMSKERLLALKRSMS
;
_entity_poly.pdbx_strand_id   A,B
#
loop_
_chem_comp.id
_chem_comp.type
_chem_comp.name
_chem_comp.formula
4L2 non-polymer 1,4-dimethyl-7-(2-oxopiperidin-1-yl)quinolin-2(1H)-one 'C16 H18 N2 O2'
#
# COMPACT_ATOMS: atom_id res chain seq x y z
N SER A 11 10.39 2.06 -1.23
CA SER A 11 9.21 2.54 -0.41
C SER A 11 8.51 1.34 0.25
N THR A 12 8.58 1.25 1.58
CA THR A 12 8.10 0.08 2.34
C THR A 12 6.58 -0.08 2.28
N PRO A 13 6.06 -1.24 2.75
CA PRO A 13 4.62 -1.49 2.92
C PRO A 13 3.87 -0.48 3.76
N ILE A 14 4.35 -0.18 4.98
CA ILE A 14 3.70 0.85 5.76
C ILE A 14 3.68 2.19 5.00
N GLN A 15 4.78 2.54 4.32
CA GLN A 15 4.81 3.87 3.67
C GLN A 15 3.79 3.94 2.53
N GLN A 16 3.59 2.83 1.84
CA GLN A 16 2.60 2.76 0.74
C GLN A 16 1.19 2.96 1.28
N LEU A 17 0.90 2.28 2.40
CA LEU A 17 -0.41 2.39 3.03
C LEU A 17 -0.64 3.82 3.46
N LEU A 18 0.27 4.41 4.24
CA LEU A 18 0.17 5.80 4.56
C LEU A 18 0.05 6.77 3.38
N GLU A 19 0.81 6.55 2.30
CA GLU A 19 0.68 7.46 1.15
C GLU A 19 -0.71 7.30 0.54
N HIS A 20 -1.26 6.08 0.55
CA HIS A 20 -2.64 5.87 0.10
C HIS A 20 -3.68 6.66 0.96
N PHE A 21 -3.62 6.52 2.29
CA PHE A 21 -4.54 7.26 3.16
C PHE A 21 -4.37 8.75 2.92
N LEU A 22 -3.12 9.19 2.82
CA LEU A 22 -2.82 10.61 2.61
C LEU A 22 -3.40 11.09 1.29
N ARG A 23 -3.22 10.34 0.19
CA ARG A 23 -3.84 10.74 -1.04
C ARG A 23 -5.35 10.85 -0.98
N GLN A 24 -6.02 9.92 -0.33
CA GLN A 24 -7.48 9.98 -0.25
C GLN A 24 -7.94 11.17 0.59
N LEU A 25 -7.22 11.48 1.65
CA LEU A 25 -7.56 12.69 2.41
C LEU A 25 -7.33 13.93 1.58
N GLN A 26 -6.23 14.01 0.88
CA GLN A 26 -6.02 15.26 0.13
C GLN A 26 -6.98 15.42 -1.02
N ARG A 27 -7.48 14.33 -1.57
CA ARG A 27 -8.52 14.49 -2.62
C ARG A 27 -9.74 15.19 -2.04
N LYS A 28 -9.90 15.13 -0.71
CA LYS A 28 -11.00 15.87 -0.07
C LYS A 28 -10.76 17.35 0.00
N ASP A 29 -9.54 17.81 -0.30
CA ASP A 29 -9.17 19.19 -0.20
C ASP A 29 -8.61 19.63 -1.51
N PRO A 30 -9.49 19.81 -2.52
CA PRO A 30 -9.05 20.13 -3.88
C PRO A 30 -8.32 21.44 -3.98
N HIS A 31 -8.62 22.39 -3.10
CA HIS A 31 -7.94 23.69 -3.14
C HIS A 31 -6.66 23.80 -2.38
N GLY A 32 -6.19 22.71 -1.77
CA GLY A 32 -4.93 22.72 -1.10
C GLY A 32 -4.88 23.66 0.08
N PHE A 33 -6.04 23.88 0.72
CA PHE A 33 -6.03 24.69 1.95
C PHE A 33 -5.08 24.14 3.01
N PHE A 34 -5.00 22.82 3.09
CA PHE A 34 -4.23 22.14 4.13
C PHE A 34 -2.95 21.55 3.58
N ALA A 35 -2.60 21.95 2.36
CA ALA A 35 -1.42 21.32 1.65
C ALA A 35 -0.10 21.71 2.28
N PHE A 36 -0.03 22.91 2.85
CA PHE A 36 1.20 23.45 3.40
C PHE A 36 0.93 24.27 4.68
N PRO A 37 2.00 24.66 5.43
CA PRO A 37 1.79 25.38 6.70
C PRO A 37 1.19 26.75 6.56
N VAL A 38 0.41 27.16 7.58
CA VAL A 38 -0.14 28.44 7.67
C VAL A 38 0.89 29.41 8.21
N THR A 39 1.05 30.53 7.54
CA THR A 39 2.04 31.56 7.96
C THR A 39 1.30 32.69 8.62
N ASP A 40 1.94 33.35 9.59
CA ASP A 40 1.39 34.51 10.24
C ASP A 40 1.03 35.63 9.26
N ALA A 41 1.78 35.74 8.16
CA ALA A 41 1.49 36.77 7.14
C ALA A 41 0.13 36.60 6.44
N ILE A 42 -0.39 35.40 6.32
CA ILE A 42 -1.75 35.24 5.83
C ILE A 42 -2.78 35.03 6.99
N ALA A 43 -2.30 34.73 8.20
CA ALA A 43 -3.18 34.32 9.31
C ALA A 43 -2.72 34.99 10.61
N PRO A 44 -3.16 36.24 10.83
CA PRO A 44 -2.60 36.96 11.97
C PRO A 44 -2.81 36.21 13.29
N GLY A 45 -1.72 36.08 14.04
CA GLY A 45 -1.77 35.48 15.36
C GLY A 45 -1.69 33.95 15.36
N TYR A 46 -1.62 33.37 14.18
CA TYR A 46 -1.65 31.89 14.03
C TYR A 46 -0.67 31.15 14.93
N SER A 47 0.60 31.60 14.96
CA SER A 47 1.64 30.85 15.66
C SER A 47 1.50 31.00 17.19
N MET A 48 0.70 31.93 17.69
CA MET A 48 0.41 32.04 19.12
C MET A 48 -0.81 31.24 19.54
N ILE A 49 -1.77 31.20 18.65
CA ILE A 49 -3.05 30.46 18.86
C ILE A 49 -2.87 28.98 18.61
N ILE A 50 -2.07 28.66 17.59
CA ILE A 50 -1.76 27.24 17.18
C ILE A 50 -0.30 26.96 17.47
N LYS A 51 -0.03 26.37 18.63
CA LYS A 51 1.36 26.05 19.10
C LYS A 51 1.83 24.72 18.55
N HIS A 52 0.92 23.94 17.95
CA HIS A 52 1.31 22.65 17.35
C HIS A 52 0.84 22.52 15.92
N PRO A 53 1.44 23.27 15.02
CA PRO A 53 0.94 23.28 13.66
C PRO A 53 1.11 21.98 12.94
N MET A 54 0.22 21.76 11.95
CA MET A 54 0.30 20.58 11.10
C MET A 54 -0.37 20.85 9.78
N ASP A 55 0.09 20.12 8.76
CA ASP A 55 -0.49 20.22 7.44
C ASP A 55 -0.12 18.95 6.64
N PHE A 56 -0.80 18.73 5.53
CA PHE A 56 -0.57 17.55 4.72
C PHE A 56 0.86 17.43 4.15
N GLY A 57 1.48 18.58 3.83
CA GLY A 57 2.91 18.58 3.33
C GLY A 57 3.84 18.00 4.37
N THR A 58 3.64 18.38 5.63
CA THR A 58 4.41 17.89 6.73
C THR A 58 4.20 16.39 7.01
N MET A 59 2.99 15.95 6.78
CA MET A 59 2.62 14.53 6.90
C MET A 59 3.31 13.77 5.76
N LYS A 60 3.35 14.35 4.58
CA LYS A 60 4.02 13.73 3.37
C LYS A 60 5.50 13.55 3.75
N ASP A 61 6.11 14.63 4.27
CA ASP A 61 7.54 14.65 4.63
C ASP A 61 7.90 13.60 5.67
N LYS A 62 7.02 13.46 6.64
CA LYS A 62 7.18 12.50 7.70
C LYS A 62 7.05 11.12 7.12
N ILE A 63 6.13 10.92 6.17
CA ILE A 63 6.08 9.57 5.54
C ILE A 63 7.40 9.29 4.77
N VAL A 64 7.81 10.23 3.92
CA VAL A 64 9.11 10.13 3.17
C VAL A 64 10.37 9.89 4.02
N ALA A 65 10.40 10.49 5.19
CA ALA A 65 11.46 10.35 6.16
C ALA A 65 11.28 9.11 7.04
N ASN A 66 10.23 8.29 6.82
CA ASN A 66 9.91 7.13 7.64
C ASN A 66 9.78 7.43 9.14
N GLU A 67 9.14 8.55 9.49
CA GLU A 67 8.97 8.92 10.87
C GLU A 67 7.72 8.34 11.53
N TYR A 68 6.81 7.78 10.76
CA TYR A 68 5.61 7.19 11.37
C TYR A 68 5.80 5.72 11.63
N LYS A 69 5.53 5.31 12.87
CA LYS A 69 5.59 3.96 13.34
C LYS A 69 4.26 3.28 13.18
N SER A 70 3.17 4.05 13.15
CA SER A 70 1.85 3.42 13.12
C SER A 70 0.79 4.29 12.43
N VAL A 71 -0.33 3.65 12.07
CA VAL A 71 -1.46 4.41 11.48
C VAL A 71 -1.94 5.34 12.60
N THR A 72 -1.96 4.85 13.84
CA THR A 72 -2.40 5.72 14.97
C THR A 72 -1.67 7.05 14.99
N GLU A 73 -0.36 7.05 14.78
CA GLU A 73 0.42 8.26 14.75
C GLU A 73 0.08 9.21 13.60
N PHE A 74 -0.14 8.61 12.44
CA PHE A 74 -0.57 9.36 11.25
C PHE A 74 -1.94 10.01 11.48
N LYS A 75 -2.83 9.23 12.05
CA LYS A 75 -4.18 9.76 12.38
C LYS A 75 -4.17 10.88 13.40
N ALA A 76 -3.28 10.80 14.39
CA ALA A 76 -3.06 11.85 15.36
C ALA A 76 -2.63 13.13 14.73
N ASP A 77 -1.70 13.07 13.78
CA ASP A 77 -1.34 14.25 13.03
C ASP A 77 -2.49 14.82 12.20
N PHE A 78 -3.22 13.96 11.50
CA PHE A 78 -4.37 14.42 10.78
C PHE A 78 -5.43 15.08 11.72
N LYS A 79 -5.72 14.44 12.82
CA LYS A 79 -6.63 15.06 13.83
C LYS A 79 -6.12 16.42 14.32
N LEU A 80 -4.84 16.53 14.61
CA LEU A 80 -4.23 17.77 14.96
C LEU A 80 -4.46 18.87 13.94
N MET A 81 -4.19 18.58 12.67
CA MET A 81 -4.40 19.50 11.62
C MET A 81 -5.84 20.07 11.56
N CYS A 82 -6.79 19.12 11.59
CA CYS A 82 -8.22 19.47 11.60
C CYS A 82 -8.63 20.28 12.85
N ASP A 83 -8.22 19.81 14.02
CA ASP A 83 -8.47 20.50 15.27
C ASP A 83 -7.89 21.97 15.26
N ASN A 84 -6.66 22.15 14.71
CA ASN A 84 -6.15 23.48 14.60
C ASN A 84 -7.05 24.40 13.78
N ALA A 85 -7.55 23.91 12.66
CA ALA A 85 -8.32 24.72 11.78
C ALA A 85 -9.67 25.08 12.45
N MET A 86 -10.19 24.16 13.28
CA MET A 86 -11.45 24.37 13.95
C MET A 86 -11.31 25.25 15.20
N THR A 87 -10.08 25.41 15.62
CA THR A 87 -9.69 26.27 16.78
C THR A 87 -9.45 27.68 16.30
N TYR A 88 -8.63 27.83 15.27
CA TYR A 88 -8.25 29.15 14.81
C TYR A 88 -9.37 29.88 14.05
N ASN A 89 -10.13 29.16 13.22
CA ASN A 89 -11.06 29.79 12.30
C ASN A 89 -12.40 29.78 12.88
N ARG A 90 -13.12 30.86 12.59
CA ARG A 90 -14.47 30.97 13.02
C ARG A 90 -15.34 29.92 12.28
N PRO A 91 -16.48 29.53 12.92
CA PRO A 91 -17.28 28.42 12.33
C PRO A 91 -17.91 28.70 10.96
N ASP A 92 -18.10 29.96 10.58
CA ASP A 92 -18.68 30.26 9.28
C ASP A 92 -17.66 30.25 8.18
N THR A 93 -16.41 29.86 8.43
CA THR A 93 -15.40 29.97 7.40
C THR A 93 -15.26 28.65 6.66
N VAL A 94 -14.72 28.74 5.45
CA VAL A 94 -14.51 27.64 4.59
C VAL A 94 -13.52 26.67 5.29
N TYR A 95 -12.53 27.25 5.98
CA TYR A 95 -11.49 26.43 6.63
C TYR A 95 -12.08 25.55 7.75
N TYR A 96 -12.90 26.19 8.60
CA TYR A 96 -13.53 25.46 9.67
C TYR A 96 -14.42 24.35 9.08
N LYS A 97 -15.25 24.70 8.12
CA LYS A 97 -16.23 23.72 7.60
C LYS A 97 -15.57 22.53 6.93
N LEU A 98 -14.56 22.81 6.11
CA LEU A 98 -13.85 21.73 5.43
C LEU A 98 -13.06 20.86 6.43
N ALA A 99 -12.41 21.48 7.43
CA ALA A 99 -11.75 20.70 8.45
C ALA A 99 -12.70 19.73 9.16
N LYS A 100 -13.89 20.21 9.43
CA LYS A 100 -14.86 19.41 10.18
C LYS A 100 -15.31 18.25 9.31
N LYS A 101 -15.56 18.54 8.06
CA LYS A 101 -16.02 17.48 7.17
C LYS A 101 -14.96 16.42 6.96
N ILE A 102 -13.77 16.88 6.59
CA ILE A 102 -12.65 15.92 6.43
C ILE A 102 -12.21 15.15 7.67
N LEU A 103 -12.20 15.77 8.85
CA LEU A 103 -11.95 15.01 10.08
C LEU A 103 -12.82 13.77 10.21
N HIS A 104 -14.15 13.94 10.03
CA HIS A 104 -15.07 12.88 10.27
C HIS A 104 -14.93 11.88 9.14
N ALA A 105 -14.71 12.33 7.91
CA ALA A 105 -14.58 11.42 6.80
C ALA A 105 -13.30 10.60 6.96
N GLY A 106 -12.22 11.26 7.37
CA GLY A 106 -10.90 10.56 7.48
C GLY A 106 -10.88 9.62 8.62
N PHE A 107 -11.60 9.94 9.70
CA PHE A 107 -11.70 9.01 10.80
C PHE A 107 -12.61 7.82 10.47
N LYS A 108 -13.59 7.95 9.57
CA LYS A 108 -14.28 6.76 9.08
C LYS A 108 -13.38 5.89 8.25
N MET A 109 -12.75 6.51 7.27
CA MET A 109 -11.78 5.84 6.44
C MET A 109 -10.72 5.03 7.19
N MET A 110 -10.25 5.56 8.32
CA MET A 110 -9.15 4.96 9.06
C MET A 110 -9.65 4.43 10.37
N SER A 111 -10.91 3.99 10.41
CA SER A 111 -11.51 3.50 11.64
C SER A 111 -10.92 2.17 12.16
N LYS A 112 -10.96 2.02 13.48
CA LYS A 112 -10.44 0.83 14.13
C LYS A 112 -10.97 -0.40 13.45
N GLU A 113 -12.25 -0.45 13.16
CA GLU A 113 -12.80 -1.63 12.53
C GLU A 113 -12.24 -1.81 11.10
N ARG A 114 -12.07 -0.72 10.35
CA ARG A 114 -11.52 -0.89 8.99
C ARG A 114 -10.09 -1.33 9.01
N LEU A 115 -9.32 -0.78 9.93
CA LEU A 115 -7.90 -1.28 10.06
C LEU A 115 -7.79 -2.74 10.50
N LEU A 116 -8.74 -3.21 11.32
CA LEU A 116 -8.86 -4.68 11.64
C LEU A 116 -9.12 -5.51 10.41
N ALA A 117 -10.02 -5.05 9.55
CA ALA A 117 -10.23 -5.69 8.24
C ALA A 117 -8.95 -5.77 7.39
N LEU A 118 -8.28 -4.64 7.27
CA LEU A 118 -7.03 -4.57 6.59
C LEU A 118 -5.96 -5.52 7.17
N LYS A 119 -5.84 -5.53 8.50
CA LYS A 119 -4.97 -6.48 9.24
C LYS A 119 -5.23 -7.94 8.91
N ARG A 120 -6.51 -8.28 8.86
CA ARG A 120 -6.99 -9.62 8.53
C ARG A 120 -6.45 -9.99 7.17
N SER A 121 -6.63 -9.10 6.21
CA SER A 121 -6.28 -9.38 4.82
C SER A 121 -4.75 -9.51 4.62
N MET A 122 -3.98 -8.94 5.55
CA MET A 122 -2.51 -8.88 5.49
C MET A 122 -1.87 -10.09 6.14
N SER A 123 -2.68 -11.06 6.51
CA SER A 123 -2.15 -12.37 6.93
C SER A 123 -2.01 -13.31 5.69
N SER B 11 -8.62 2.63 -5.83
CA SER B 11 -7.69 1.53 -5.43
C SER B 11 -7.63 1.35 -3.92
N THR B 12 -7.92 0.16 -3.44
CA THR B 12 -8.08 -0.07 -2.00
C THR B 12 -6.74 -0.35 -1.28
N PRO B 13 -6.71 -0.35 0.07
CA PRO B 13 -5.39 -0.57 0.71
C PRO B 13 -4.83 -1.95 0.48
N ILE B 14 -5.66 -2.98 0.44
CA ILE B 14 -5.09 -4.32 0.11
C ILE B 14 -4.49 -4.34 -1.33
N GLN B 15 -5.18 -3.71 -2.27
CA GLN B 15 -4.77 -3.71 -3.68
C GLN B 15 -3.41 -3.05 -3.77
N GLN B 16 -3.31 -1.88 -3.12
CA GLN B 16 -2.08 -1.09 -2.98
C GLN B 16 -0.93 -1.98 -2.55
N LEU B 17 -1.14 -2.63 -1.41
CA LEU B 17 -0.11 -3.45 -0.78
C LEU B 17 0.27 -4.63 -1.69
N LEU B 18 -0.70 -5.31 -2.26
CA LEU B 18 -0.40 -6.43 -3.19
C LEU B 18 0.30 -5.97 -4.48
N GLU B 19 0.00 -4.77 -4.94
CA GLU B 19 0.68 -4.17 -6.09
C GLU B 19 2.13 -3.87 -5.81
N HIS B 20 2.42 -3.44 -4.57
CA HIS B 20 3.77 -3.12 -4.17
C HIS B 20 4.55 -4.45 -4.10
N PHE B 21 3.93 -5.50 -3.59
CA PHE B 21 4.63 -6.81 -3.61
C PHE B 21 4.85 -7.30 -5.04
N LEU B 22 3.88 -7.07 -5.90
CA LEU B 22 4.00 -7.57 -7.28
C LEU B 22 5.05 -6.89 -8.15
N ARG B 23 5.14 -5.56 -8.05
CA ARG B 23 6.22 -4.84 -8.74
C ARG B 23 7.56 -5.26 -8.20
N GLN B 24 7.66 -5.42 -6.88
CA GLN B 24 8.95 -5.80 -6.32
C GLN B 24 9.33 -7.21 -6.82
N LEU B 25 8.37 -8.10 -6.95
CA LEU B 25 8.67 -9.45 -7.47
C LEU B 25 9.10 -9.35 -8.93
N GLN B 26 8.40 -8.55 -9.73
CA GLN B 26 8.61 -8.55 -11.19
C GLN B 26 9.95 -7.96 -11.58
N ARG B 27 10.47 -7.12 -10.68
CA ARG B 27 11.75 -6.48 -10.87
C ARG B 27 12.81 -7.59 -10.78
N LYS B 28 12.51 -8.71 -10.11
CA LYS B 28 13.49 -9.83 -10.00
C LYS B 28 13.58 -10.70 -11.26
N ASP B 29 12.81 -10.34 -12.30
CA ASP B 29 12.71 -11.08 -13.56
C ASP B 29 12.83 -10.07 -14.69
N PRO B 30 14.07 -9.61 -15.00
CA PRO B 30 14.22 -8.53 -15.98
C PRO B 30 13.94 -8.93 -17.42
N HIS B 31 13.89 -10.23 -17.71
CA HIS B 31 13.63 -10.73 -19.05
C HIS B 31 12.16 -10.99 -19.32
N GLY B 32 11.30 -10.79 -18.31
CA GLY B 32 9.86 -11.01 -18.49
C GLY B 32 9.46 -12.48 -18.74
N PHE B 33 10.20 -13.43 -18.19
CA PHE B 33 9.91 -14.87 -18.43
C PHE B 33 8.57 -15.26 -17.86
N PHE B 34 8.23 -14.64 -16.75
CA PHE B 34 7.01 -14.92 -16.02
C PHE B 34 5.96 -13.79 -16.21
N ALA B 35 6.27 -12.82 -17.08
CA ALA B 35 5.33 -11.74 -17.49
C ALA B 35 3.92 -12.20 -17.91
N PHE B 36 3.83 -13.20 -18.78
CA PHE B 36 2.54 -13.68 -19.35
C PHE B 36 2.49 -15.21 -19.38
N PRO B 37 1.31 -15.82 -19.70
CA PRO B 37 1.20 -17.28 -19.67
C PRO B 37 2.07 -18.04 -20.69
N VAL B 38 2.44 -19.26 -20.32
CA VAL B 38 3.26 -20.14 -21.15
C VAL B 38 2.32 -20.81 -22.11
N THR B 39 2.66 -20.91 -23.39
CA THR B 39 1.81 -21.67 -24.36
C THR B 39 2.48 -22.98 -24.74
N ASP B 40 1.76 -23.88 -25.39
CA ASP B 40 2.41 -25.11 -25.86
C ASP B 40 3.35 -24.86 -27.03
N ALA B 41 3.09 -23.78 -27.78
CA ALA B 41 3.95 -23.38 -28.87
C ALA B 41 5.36 -23.19 -28.32
N ILE B 42 5.44 -22.43 -27.23
CA ILE B 42 6.73 -22.00 -26.68
C ILE B 42 7.35 -23.08 -25.78
N ALA B 43 6.50 -23.91 -25.17
CA ALA B 43 6.91 -25.00 -24.29
C ALA B 43 6.17 -26.27 -24.67
N PRO B 44 6.73 -27.05 -25.59
CA PRO B 44 6.11 -28.30 -25.97
C PRO B 44 5.60 -29.10 -24.76
N GLY B 45 4.37 -29.60 -24.81
CA GLY B 45 3.87 -30.49 -23.76
C GLY B 45 3.51 -29.85 -22.42
N TYR B 46 3.54 -28.52 -22.39
CA TYR B 46 3.30 -27.74 -21.16
C TYR B 46 1.93 -28.07 -20.54
N SER B 47 0.84 -27.99 -21.29
CA SER B 47 -0.47 -28.12 -20.66
C SER B 47 -0.72 -29.56 -20.25
N MET B 48 0.05 -30.50 -20.77
CA MET B 48 -0.19 -31.89 -20.40
C MET B 48 0.42 -32.21 -19.02
N ILE B 49 1.38 -31.37 -18.61
CA ILE B 49 2.14 -31.48 -17.35
C ILE B 49 1.59 -30.49 -16.27
N ILE B 50 1.33 -29.26 -16.67
CA ILE B 50 0.97 -28.16 -15.75
C ILE B 50 -0.52 -27.89 -15.89
N LYS B 51 -1.24 -28.26 -14.85
CA LYS B 51 -2.69 -28.18 -14.87
C LYS B 51 -3.24 -26.83 -14.38
N HIS B 52 -2.44 -26.13 -13.59
CA HIS B 52 -2.85 -24.83 -13.03
C HIS B 52 -1.84 -23.74 -13.32
N PRO B 53 -1.85 -23.22 -14.55
CA PRO B 53 -0.86 -22.20 -14.91
C PRO B 53 -1.03 -20.91 -14.17
N MET B 54 0.05 -20.19 -13.94
CA MET B 54 -0.04 -18.85 -13.38
C MET B 54 1.12 -18.08 -13.90
N ASP B 55 0.97 -16.75 -13.88
CA ASP B 55 2.03 -15.83 -14.25
C ASP B 55 1.76 -14.45 -13.63
N PHE B 56 2.72 -13.55 -13.74
CA PHE B 56 2.65 -12.17 -13.23
C PHE B 56 1.52 -11.30 -13.80
N GLY B 57 1.17 -11.51 -15.07
CA GLY B 57 0.11 -10.73 -15.74
C GLY B 57 -1.25 -11.07 -15.15
N THR B 58 -1.50 -12.36 -14.98
CA THR B 58 -2.72 -12.85 -14.36
C THR B 58 -2.87 -12.41 -12.91
N MET B 59 -1.77 -12.43 -12.15
CA MET B 59 -1.81 -11.94 -10.80
C MET B 59 -2.19 -10.45 -10.78
N LYS B 60 -1.59 -9.67 -11.68
CA LYS B 60 -1.83 -8.23 -11.85
C LYS B 60 -3.32 -8.01 -12.07
N ASP B 61 -3.90 -8.78 -12.98
CA ASP B 61 -5.32 -8.78 -13.25
C ASP B 61 -6.15 -9.09 -12.02
N LYS B 62 -5.74 -10.12 -11.28
CA LYS B 62 -6.49 -10.51 -10.10
C LYS B 62 -6.46 -9.38 -9.04
N ILE B 63 -5.34 -8.66 -8.90
CA ILE B 63 -5.33 -7.45 -8.05
C ILE B 63 -6.28 -6.37 -8.59
N VAL B 64 -6.15 -6.07 -9.88
CA VAL B 64 -6.93 -5.02 -10.56
C VAL B 64 -8.42 -5.29 -10.39
N ALA B 65 -8.80 -6.55 -10.49
CA ALA B 65 -10.18 -6.97 -10.34
C ALA B 65 -10.53 -7.32 -8.90
N ASN B 66 -9.65 -6.98 -7.95
CA ASN B 66 -9.91 -7.16 -6.52
C ASN B 66 -10.37 -8.59 -6.19
N GLU B 67 -9.71 -9.57 -6.82
CA GLU B 67 -9.98 -11.00 -6.60
C GLU B 67 -9.23 -11.61 -5.42
N TYR B 68 -8.24 -10.91 -4.88
CA TYR B 68 -7.51 -11.43 -3.73
C TYR B 68 -8.09 -10.88 -2.44
N LYS B 69 -8.53 -11.78 -1.56
CA LYS B 69 -9.03 -11.40 -0.26
C LYS B 69 -7.92 -11.36 0.78
N SER B 70 -6.74 -11.87 0.45
CA SER B 70 -5.63 -11.85 1.38
C SER B 70 -4.24 -11.94 0.74
N VAL B 71 -3.23 -11.64 1.56
CA VAL B 71 -1.81 -11.75 1.16
C VAL B 71 -1.50 -13.29 0.98
N THR B 72 -2.10 -14.11 1.84
CA THR B 72 -2.00 -15.57 1.74
C THR B 72 -2.39 -16.09 0.40
N GLU B 73 -3.58 -15.74 -0.07
CA GLU B 73 -4.01 -16.08 -1.42
C GLU B 73 -3.01 -15.60 -2.48
N PHE B 74 -2.48 -14.43 -2.25
CA PHE B 74 -1.53 -13.80 -3.17
C PHE B 74 -0.23 -14.63 -3.27
N LYS B 75 0.31 -14.97 -2.10
CA LYS B 75 1.53 -15.78 -2.00
C LYS B 75 1.34 -17.17 -2.60
N ALA B 76 0.17 -17.73 -2.40
CA ALA B 76 -0.17 -19.02 -2.97
C ALA B 76 -0.13 -19.02 -4.54
N ASP B 77 -0.61 -17.95 -5.20
CA ASP B 77 -0.53 -17.88 -6.68
C ASP B 77 0.92 -17.70 -7.09
N PHE B 78 1.64 -16.86 -6.34
CA PHE B 78 3.04 -16.67 -6.59
C PHE B 78 3.79 -18.02 -6.54
N LYS B 79 3.57 -18.76 -5.45
CA LYS B 79 4.27 -20.02 -5.22
C LYS B 79 3.88 -21.00 -6.31
N LEU B 80 2.63 -20.93 -6.75
CA LEU B 80 2.10 -21.87 -7.79
C LEU B 80 2.86 -21.63 -9.07
N MET B 81 3.09 -20.36 -9.37
CA MET B 81 3.80 -19.94 -10.58
C MET B 81 5.25 -20.47 -10.61
N CYS B 82 5.94 -20.37 -9.47
CA CYS B 82 7.35 -20.80 -9.39
C CYS B 82 7.41 -22.32 -9.39
N ASP B 83 6.50 -22.96 -8.63
CA ASP B 83 6.44 -24.39 -8.56
C ASP B 83 6.15 -24.99 -9.94
N ASN B 84 5.30 -24.34 -10.73
CA ASN B 84 5.02 -24.84 -12.08
C ASN B 84 6.33 -24.87 -12.90
N ALA B 85 7.12 -23.81 -12.79
CA ALA B 85 8.37 -23.70 -13.53
C ALA B 85 9.37 -24.75 -13.11
N MET B 86 9.37 -25.15 -11.82
CA MET B 86 10.34 -26.07 -11.28
C MET B 86 9.86 -27.51 -11.54
N THR B 87 8.58 -27.65 -11.80
CA THR B 87 8.00 -28.94 -12.18
C THR B 87 8.22 -29.20 -13.70
N TYR B 88 7.94 -28.22 -14.53
CA TYR B 88 8.00 -28.45 -15.99
C TYR B 88 9.45 -28.44 -16.49
N ASN B 89 10.28 -27.53 -15.96
CA ASN B 89 11.71 -27.41 -16.42
C ASN B 89 12.71 -28.14 -15.55
N ARG B 90 13.78 -28.76 -16.12
CA ARG B 90 14.71 -29.43 -15.40
C ARG B 90 15.63 -28.45 -14.67
N PRO B 91 16.35 -28.91 -13.66
CA PRO B 91 17.08 -27.98 -12.77
C PRO B 91 18.17 -27.17 -13.38
N ASP B 92 18.79 -27.68 -14.45
CA ASP B 92 19.94 -26.94 -15.07
C ASP B 92 19.41 -25.93 -16.10
N THR B 93 18.13 -25.58 -16.08
CA THR B 93 17.58 -24.55 -16.97
C THR B 93 17.41 -23.18 -16.34
N VAL B 94 17.39 -22.18 -17.20
CA VAL B 94 17.21 -20.78 -16.84
C VAL B 94 15.88 -20.61 -16.10
N TYR B 95 14.83 -21.28 -16.57
CA TYR B 95 13.48 -21.12 -15.99
C TYR B 95 13.38 -21.68 -14.59
N TYR B 96 13.94 -22.88 -14.38
CA TYR B 96 13.90 -23.50 -13.09
C TYR B 96 14.71 -22.62 -12.12
N LYS B 97 15.94 -22.25 -12.51
CA LYS B 97 16.87 -21.56 -11.59
C LYS B 97 16.28 -20.19 -11.18
N LEU B 98 15.67 -19.48 -12.10
CA LEU B 98 15.06 -18.17 -11.75
C LEU B 98 13.75 -18.31 -10.89
N ALA B 99 12.99 -19.40 -11.05
CA ALA B 99 11.77 -19.58 -10.30
C ALA B 99 12.17 -19.83 -8.84
N LYS B 100 13.24 -20.60 -8.64
CA LYS B 100 13.64 -20.97 -7.33
C LYS B 100 14.13 -19.70 -6.56
N LYS B 101 14.86 -18.89 -7.27
CA LYS B 101 15.55 -17.67 -6.75
C LYS B 101 14.46 -16.67 -6.41
N ILE B 102 13.54 -16.45 -7.33
CA ILE B 102 12.42 -15.55 -7.03
C ILE B 102 11.38 -16.10 -6.05
N LEU B 103 11.13 -17.42 -6.02
CA LEU B 103 10.36 -17.98 -4.93
C LEU B 103 10.95 -17.67 -3.55
N HIS B 104 12.28 -17.78 -3.41
CA HIS B 104 12.95 -17.57 -2.15
CA HIS B 104 12.94 -17.62 -2.11
C HIS B 104 12.77 -16.13 -1.76
N ALA B 105 13.07 -15.25 -2.69
CA ALA B 105 13.08 -13.80 -2.41
C ALA B 105 11.67 -13.24 -2.16
N GLY B 106 10.67 -13.82 -2.81
CA GLY B 106 9.27 -13.44 -2.57
C GLY B 106 8.76 -13.91 -1.20
N PHE B 107 9.19 -15.07 -0.76
CA PHE B 107 8.76 -15.55 0.56
C PHE B 107 9.49 -14.83 1.71
N LYS B 108 10.61 -14.17 1.41
CA LYS B 108 11.39 -13.47 2.44
C LYS B 108 10.74 -12.07 2.54
N MET B 109 10.36 -11.54 1.40
CA MET B 109 9.66 -10.28 1.30
C MET B 109 8.25 -10.35 1.89
N MET B 110 7.62 -11.52 1.87
CA MET B 110 6.20 -11.67 2.27
C MET B 110 6.03 -12.61 3.44
N SER B 111 7.06 -12.66 4.27
CA SER B 111 7.15 -13.61 5.37
C SER B 111 6.32 -13.25 6.58
N LYS B 112 6.05 -14.23 7.44
CA LYS B 112 5.21 -13.96 8.61
C LYS B 112 5.76 -12.80 9.46
N GLU B 113 7.06 -12.82 9.75
CA GLU B 113 7.75 -11.71 10.44
C GLU B 113 7.60 -10.31 9.77
N ARG B 114 7.50 -10.29 8.45
CA ARG B 114 7.32 -9.00 7.76
C ARG B 114 5.86 -8.59 7.77
N LEU B 115 4.99 -9.57 7.66
CA LEU B 115 3.58 -9.31 7.81
C LEU B 115 3.24 -8.88 9.25
N LEU B 116 3.75 -9.54 10.31
CA LEU B 116 3.46 -9.05 11.67
C LEU B 116 3.93 -7.61 11.91
N ALA B 117 5.06 -7.22 11.32
CA ALA B 117 5.57 -5.87 11.41
C ALA B 117 4.59 -4.88 10.78
N LEU B 118 4.21 -5.14 9.55
CA LEU B 118 3.14 -4.41 8.90
C LEU B 118 1.83 -4.41 9.70
N LYS B 119 1.35 -5.57 10.13
CA LYS B 119 0.18 -5.63 11.01
C LYS B 119 0.35 -4.69 12.18
N ARG B 120 1.42 -4.87 12.95
CA ARG B 120 1.62 -3.97 14.08
C ARG B 120 1.66 -2.49 13.70
N SER B 121 2.08 -2.16 12.48
CA SER B 121 2.14 -0.79 12.08
C SER B 121 0.76 -0.21 11.66
N MET B 122 -0.23 -1.10 11.47
CA MET B 122 -1.60 -0.73 11.21
C MET B 122 -2.45 -0.52 12.49
N SER B 123 -1.82 -0.52 13.70
CA SER B 123 -2.56 -0.26 14.93
C SER B 123 -2.80 1.24 15.26
OAC 4L2 C . -4.77 28.08 1.34
CAM 4L2 C . -3.66 27.70 1.72
CAK 4L2 C . -2.85 26.93 0.83
CAI 4L2 C . -1.90 25.95 1.60
CAJ 4L2 C . -0.99 26.93 2.42
CAL 4L2 C . -1.86 27.60 3.49
NAS 4L2 C . -3.21 28.04 2.98
CAO 4L2 C . -3.94 28.73 3.95
CAH 4L2 C . -4.48 27.96 4.99
CAR 4L2 C . -5.20 28.49 6.06
NAT 4L2 C . -5.70 27.67 7.03
CAB 4L2 C . -5.57 26.16 7.05
CAP 4L2 C . -6.37 28.23 8.06
OAD 4L2 C . -6.79 27.50 8.94
CAG 4L2 C . -6.56 29.63 8.14
CAN 4L2 C . -6.09 30.49 7.16
CAA 4L2 C . -6.31 31.90 7.23
CAQ 4L2 C . -5.39 29.90 6.08
CAF 4L2 C . -4.84 30.69 5.05
CAE 4L2 C . -4.11 30.12 3.98
OAC 4L2 D . 10.05 -15.75 -21.82
CAM 4L2 D . 8.88 -15.75 -22.13
CAK 4L2 D . 8.23 -14.58 -22.51
CAI 4L2 D . 7.05 -14.41 -21.58
CAJ 4L2 D . 6.01 -15.46 -22.07
CAL 4L2 D . 6.65 -16.82 -22.37
NAS 4L2 D . 8.11 -16.86 -22.00
CAO 4L2 D . 8.49 -18.10 -21.63
CAH 4L2 D . 8.24 -18.61 -20.33
CAR 4L2 D . 8.55 -19.94 -20.00
NAT 4L2 D . 8.36 -20.47 -18.77
CAB 4L2 D . 7.83 -19.72 -17.62
CAP 4L2 D . 8.70 -21.78 -18.52
OAD 4L2 D . 8.51 -22.30 -17.42
CAG 4L2 D . 9.21 -22.57 -19.50
CAN 4L2 D . 9.43 -22.06 -20.76
CAA 4L2 D . 9.97 -22.89 -21.75
CAQ 4L2 D . 9.10 -20.75 -21.02
CAF 4L2 D . 9.31 -20.23 -22.31
CAE 4L2 D . 9.00 -18.91 -22.62
#